data_5NR8
#
_entry.id   5NR8
#
_cell.length_a   85.897
_cell.length_b   106.006
_cell.length_c   42.158
_cell.angle_alpha   90.00
_cell.angle_beta   90.00
_cell.angle_gamma   90.00
#
_symmetry.space_group_name_H-M   'P 21 21 2'
#
loop_
_entity.id
_entity.type
_entity.pdbx_description
1 polymer Chitotriosidase-1
2 non-polymer 1-(3-azanyl-1~{H}-1,2,4-triazol-5-yl)-~{N}-[2-(4-bromophenyl)ethyl]-~{N}-methyl-piperidin-4-amine
3 non-polymer GLYCEROL
4 water water
#
_entity_poly.entity_id   1
_entity_poly.type   'polypeptide(L)'
_entity_poly.pdbx_seq_one_letter_code
;AKLVCYFTNWAQYRQGEARFLPKDLDPSLCTHLIYAFAGMTNHQLSTTEWNDETLYQEFNGLKKMNPKLKTLLAIGGWNF
GTQKFTDMVATANNRQTFVNSAIRFLRKYSFDGLDLDWEYPGSQGSPAVDKERFTTLVQDLANAFQQEAQTSGKERLLLS
AAVPAGQTYVDAGYEVDKIAQNLDFVNLMAYDFHGSWEKVTGHNSPLYKRQEESGAAASLNVDAAVQQWLQKGTPASKLI
LGMPTYGRSFTLASSSDTRVGAPATGSGTPGPFTKEGGMLAYYEVCSWKGATKQRIQDQKVPYIFRDNQWVGFDDVESFK
TKVSYLKQKGLGGAMVWALDLDDFAGFSCNQGRYPLIQTLRQELSLVPRGSHHHHHH
;
_entity_poly.pdbx_strand_id   A
#
# COMPACT_ATOMS: atom_id res chain seq x y z
N ALA A 1 6.82 16.89 0.70
CA ALA A 1 5.99 15.71 0.91
C ALA A 1 6.19 14.70 -0.21
N LYS A 2 6.01 13.44 0.14
CA LYS A 2 5.97 12.37 -0.84
C LYS A 2 4.54 11.86 -0.99
N LEU A 3 4.23 11.41 -2.21
CA LEU A 3 3.02 10.63 -2.47
C LEU A 3 3.49 9.38 -3.22
N VAL A 4 3.50 8.26 -2.51
CA VAL A 4 4.06 7.00 -2.98
C VAL A 4 2.91 6.11 -3.42
N CYS A 5 2.87 5.74 -4.70
CA CYS A 5 1.72 5.01 -5.23
C CYS A 5 2.15 3.69 -5.81
N TYR A 6 1.43 2.64 -5.48
CA TYR A 6 1.71 1.30 -6.01
C TYR A 6 0.91 0.97 -7.26
N PHE A 7 1.65 0.47 -8.23
CA PHE A 7 1.15 -0.15 -9.45
C PHE A 7 1.20 -1.67 -9.23
N THR A 8 0.20 -2.40 -9.73
CA THR A 8 0.21 -3.84 -9.61
C THR A 8 0.22 -4.49 -10.99
N ASN A 9 1.07 -5.50 -11.16
CA ASN A 9 1.25 -6.13 -12.46
C ASN A 9 0.25 -7.23 -12.79
N TRP A 10 -0.78 -7.39 -11.96
CA TRP A 10 -1.89 -8.29 -12.27
C TRP A 10 -3.19 -7.56 -12.58
N ALA A 11 -3.20 -6.24 -12.40
CA ALA A 11 -4.39 -5.46 -12.72
C ALA A 11 -4.69 -5.48 -14.22
N GLN A 12 -3.69 -5.80 -15.02
CA GLN A 12 -3.85 -5.94 -16.47
C GLN A 12 -4.81 -7.06 -16.88
N TYR A 13 -5.15 -7.93 -15.95
CA TYR A 13 -6.02 -9.07 -16.25
C TYR A 13 -7.46 -8.85 -15.84
N ARG A 14 -7.78 -7.70 -15.24
CA ARG A 14 -9.17 -7.42 -14.93
C ARG A 14 -9.93 -7.10 -16.21
N GLN A 15 -11.23 -7.32 -16.17
CA GLN A 15 -12.06 -7.21 -17.35
C GLN A 15 -12.62 -5.81 -17.55
N GLY A 16 -12.95 -5.50 -18.79
CA GLY A 16 -13.63 -4.26 -19.12
C GLY A 16 -12.91 -3.02 -18.64
N GLU A 17 -13.68 -2.12 -18.03
CA GLU A 17 -13.17 -0.80 -17.66
C GLU A 17 -12.18 -0.89 -16.51
N ALA A 18 -12.15 -2.03 -15.82
CA ALA A 18 -11.27 -2.20 -14.66
C ALA A 18 -9.85 -2.61 -15.06
N ARG A 19 -9.64 -2.97 -16.33
CA ARG A 19 -8.31 -3.35 -16.77
C ARG A 19 -7.39 -2.16 -16.65
N PHE A 20 -6.29 -2.34 -15.96
N PHE A 20 -6.19 -2.38 -16.08
CA PHE A 20 -5.33 -1.27 -15.81
CA PHE A 20 -5.19 -1.32 -15.83
C PHE A 20 -4.25 -1.50 -16.86
C PHE A 20 -3.76 -1.65 -16.31
N LEU A 21 -4.15 -0.57 -17.80
N LEU A 21 -3.19 -0.75 -17.12
CA LEU A 21 -3.13 -0.61 -18.86
CA LEU A 21 -1.85 -0.90 -17.69
C LEU A 21 -2.12 0.51 -18.63
C LEU A 21 -1.07 0.38 -17.44
N PRO A 22 -0.90 0.39 -19.18
N PRO A 22 0.25 0.37 -17.70
CA PRO A 22 0.18 1.35 -18.86
CA PRO A 22 1.02 1.60 -17.46
C PRO A 22 -0.26 2.79 -19.07
C PRO A 22 0.50 2.84 -18.20
N LYS A 23 -1.02 2.94 -20.15
N LYS A 23 -0.17 2.68 -19.34
CA LYS A 23 -1.63 4.19 -20.54
CA LYS A 23 -0.71 3.83 -20.04
C LYS A 23 -2.55 4.81 -19.50
C LYS A 23 -1.82 4.56 -19.25
N ASP A 24 -2.84 4.07 -18.43
N ASP A 24 -2.45 3.84 -18.33
CA ASP A 24 -3.69 4.57 -17.35
CA ASP A 24 -3.48 4.42 -17.47
C ASP A 24 -2.88 5.20 -16.20
C ASP A 24 -2.86 5.21 -16.32
N LEU A 25 -1.55 5.11 -16.22
CA LEU A 25 -0.78 5.84 -15.21
C LEU A 25 -0.63 7.30 -15.62
N ASP A 26 -0.84 8.18 -14.66
CA ASP A 26 -0.60 9.60 -14.84
C ASP A 26 0.79 9.90 -14.29
N PRO A 27 1.72 10.37 -15.15
CA PRO A 27 3.10 10.58 -14.70
C PRO A 27 3.27 11.63 -13.62
N SER A 28 2.27 12.50 -13.47
N SER A 28 2.27 12.49 -13.46
CA SER A 28 2.36 13.61 -12.53
CA SER A 28 2.37 13.59 -12.53
C SER A 28 1.38 13.51 -11.38
C SER A 28 1.47 13.46 -11.30
N LEU A 29 0.81 12.33 -11.16
CA LEU A 29 -0.09 12.10 -10.03
C LEU A 29 0.66 11.91 -8.69
N CYS A 30 1.75 11.15 -8.74
CA CYS A 30 2.49 10.76 -7.55
C CYS A 30 3.93 11.22 -7.66
N THR A 31 4.66 11.23 -6.54
CA THR A 31 6.08 11.59 -6.56
C THR A 31 6.95 10.34 -6.74
N HIS A 32 6.45 9.21 -6.26
CA HIS A 32 7.15 7.93 -6.32
C HIS A 32 6.16 6.89 -6.76
N LEU A 33 6.56 6.07 -7.73
CA LEU A 33 5.74 4.95 -8.17
C LEU A 33 6.47 3.68 -7.85
N ILE A 34 5.80 2.73 -7.22
CA ILE A 34 6.39 1.45 -6.84
C ILE A 34 5.66 0.34 -7.57
N TYR A 35 6.45 -0.51 -8.23
CA TYR A 35 5.95 -1.60 -9.06
C TYR A 35 5.86 -2.88 -8.24
N ALA A 36 4.63 -3.37 -8.05
CA ALA A 36 4.37 -4.60 -7.29
C ALA A 36 4.03 -5.72 -8.28
N PHE A 37 4.70 -6.88 -8.24
CA PHE A 37 5.86 -7.23 -7.43
C PHE A 37 6.87 -7.97 -8.30
N ALA A 38 8.14 -7.87 -7.91
CA ALA A 38 9.16 -8.79 -8.34
C ALA A 38 9.24 -9.99 -7.41
N GLY A 39 9.92 -11.03 -7.87
CA GLY A 39 10.15 -12.24 -7.08
C GLY A 39 11.63 -12.53 -6.93
N MET A 40 11.94 -13.79 -6.65
CA MET A 40 13.30 -14.19 -6.38
C MET A 40 13.50 -15.59 -6.94
N THR A 41 14.63 -15.80 -7.61
CA THR A 41 15.01 -17.10 -8.14
C THR A 41 16.48 -17.30 -7.84
N ASN A 42 16.81 -18.37 -7.12
CA ASN A 42 18.18 -18.64 -6.72
C ASN A 42 18.84 -17.41 -6.08
N HIS A 43 18.07 -16.78 -5.19
CA HIS A 43 18.51 -15.63 -4.38
C HIS A 43 18.71 -14.38 -5.22
N GLN A 44 18.20 -14.33 -6.43
CA GLN A 44 18.35 -13.20 -7.33
C GLN A 44 17.00 -12.61 -7.72
N LEU A 45 16.97 -11.31 -7.86
CA LEU A 45 15.75 -10.60 -8.23
C LEU A 45 15.26 -11.12 -9.58
N SER A 46 13.96 -11.36 -9.69
CA SER A 46 13.38 -11.85 -10.93
C SER A 46 11.97 -11.34 -11.19
N THR A 47 11.56 -11.40 -12.45
CA THR A 47 10.21 -11.00 -12.81
C THR A 47 9.18 -12.03 -12.34
N THR A 48 7.91 -11.62 -12.31
CA THR A 48 6.84 -12.51 -11.91
C THR A 48 5.75 -12.68 -12.96
N GLU A 49 5.64 -11.76 -13.91
CA GLU A 49 4.67 -11.87 -15.00
C GLU A 49 5.39 -11.94 -16.37
N TRP A 50 4.77 -12.68 -17.28
CA TRP A 50 5.32 -12.97 -18.61
C TRP A 50 5.72 -11.73 -19.40
N ASN A 51 5.05 -10.61 -19.13
CA ASN A 51 5.31 -9.36 -19.84
C ASN A 51 5.89 -8.27 -18.96
N ASP A 52 6.44 -8.62 -17.81
CA ASP A 52 7.03 -7.59 -16.95
C ASP A 52 8.06 -6.71 -17.66
N GLU A 53 8.87 -7.31 -18.51
N GLU A 53 8.86 -7.29 -18.53
CA GLU A 53 9.92 -6.55 -19.16
CA GLU A 53 9.93 -6.48 -19.13
C GLU A 53 9.32 -5.46 -20.05
C GLU A 53 9.40 -5.50 -20.18
N THR A 54 8.22 -5.78 -20.72
CA THR A 54 7.47 -4.80 -21.52
C THR A 54 6.92 -3.71 -20.61
N LEU A 55 6.30 -4.12 -19.52
CA LEU A 55 5.69 -3.18 -18.58
C LEU A 55 6.73 -2.29 -17.88
N TYR A 56 7.89 -2.85 -17.57
CA TYR A 56 8.95 -2.07 -16.95
C TYR A 56 9.34 -0.89 -17.86
N GLN A 57 9.40 -1.14 -19.17
CA GLN A 57 9.75 -0.07 -20.09
C GLN A 57 8.70 1.02 -20.13
N GLU A 58 7.44 0.63 -20.14
CA GLU A 58 6.35 1.60 -20.14
C GLU A 58 6.31 2.38 -18.83
N PHE A 59 6.52 1.69 -17.72
CA PHE A 59 6.44 2.26 -16.39
C PHE A 59 7.56 3.25 -16.18
N ASN A 60 8.80 2.82 -16.42
CA ASN A 60 9.91 3.72 -16.22
C ASN A 60 9.98 4.81 -17.30
N GLY A 61 9.37 4.53 -18.44
CA GLY A 61 9.25 5.52 -19.49
C GLY A 61 8.41 6.73 -19.11
N LEU A 62 7.60 6.59 -18.06
CA LEU A 62 6.82 7.72 -17.54
C LEU A 62 7.73 8.86 -17.14
N LYS A 63 8.97 8.53 -16.75
CA LYS A 63 9.93 9.55 -16.34
C LYS A 63 10.36 10.47 -17.49
N LYS A 64 10.12 10.06 -18.73
CA LYS A 64 10.36 10.93 -19.87
C LYS A 64 9.37 12.10 -19.85
N MET A 65 8.15 11.83 -19.38
CA MET A 65 7.11 12.86 -19.31
C MET A 65 7.23 13.71 -18.05
N ASN A 66 7.67 13.09 -16.96
CA ASN A 66 7.90 13.78 -15.70
C ASN A 66 9.25 13.37 -15.14
N PRO A 67 10.30 14.11 -15.47
CA PRO A 67 11.65 13.75 -15.03
C PRO A 67 11.85 13.79 -13.52
N LYS A 68 10.95 14.43 -12.77
CA LYS A 68 11.04 14.46 -11.31
C LYS A 68 10.65 13.13 -10.68
N LEU A 69 9.88 12.34 -11.41
CA LEU A 69 9.31 11.10 -10.88
C LEU A 69 10.40 10.08 -10.51
N LYS A 70 10.24 9.41 -9.39
CA LYS A 70 11.12 8.31 -9.02
C LYS A 70 10.33 7.02 -9.03
N THR A 71 10.96 5.94 -9.46
CA THR A 71 10.31 4.64 -9.48
C THR A 71 11.09 3.64 -8.64
N LEU A 72 10.36 2.71 -8.03
CA LEU A 72 10.98 1.62 -7.29
C LEU A 72 10.30 0.32 -7.68
N LEU A 73 11.04 -0.77 -7.50
CA LEU A 73 10.53 -2.12 -7.69
C LEU A 73 10.35 -2.79 -6.33
N ALA A 74 9.14 -3.28 -6.08
CA ALA A 74 8.84 -3.98 -4.82
C ALA A 74 9.02 -5.46 -4.97
N ILE A 75 9.77 -6.07 -4.04
CA ILE A 75 9.98 -7.51 -4.06
C ILE A 75 9.17 -8.16 -2.94
N GLY A 76 8.44 -9.20 -3.33
CA GLY A 76 7.78 -10.08 -2.39
C GLY A 76 6.27 -9.95 -2.49
N GLY A 77 5.66 -9.45 -1.42
CA GLY A 77 4.23 -9.32 -1.37
C GLY A 77 3.58 -10.37 -0.50
N TRP A 78 2.31 -10.17 -0.24
CA TRP A 78 1.64 -10.97 0.77
C TRP A 78 1.42 -12.43 0.39
N ASN A 79 1.45 -12.76 -0.90
CA ASN A 79 1.35 -14.18 -1.30
C ASN A 79 2.68 -14.85 -1.67
N PHE A 80 3.78 -14.14 -1.47
CA PHE A 80 5.10 -14.64 -1.87
C PHE A 80 5.63 -15.66 -0.89
N GLY A 81 5.15 -15.61 0.33
CA GLY A 81 5.65 -16.47 1.38
C GLY A 81 6.90 -15.89 2.00
N THR A 82 7.53 -16.68 2.84
CA THR A 82 8.72 -16.26 3.56
C THR A 82 9.97 -17.07 3.20
N GLN A 83 9.83 -18.29 2.68
CA GLN A 83 11.01 -19.18 2.60
C GLN A 83 12.13 -18.61 1.75
N LYS A 84 11.80 -17.98 0.63
CA LYS A 84 12.85 -17.46 -0.23
C LYS A 84 13.59 -16.32 0.46
N PHE A 85 12.89 -15.50 1.25
CA PHE A 85 13.58 -14.46 2.01
C PHE A 85 14.46 -15.09 3.08
N THR A 86 13.91 -16.03 3.82
CA THR A 86 14.64 -16.71 4.87
C THR A 86 15.93 -17.34 4.33
N ASP A 87 15.83 -18.02 3.19
CA ASP A 87 17.00 -18.73 2.65
C ASP A 87 18.05 -17.73 2.15
N MET A 88 17.59 -16.62 1.60
CA MET A 88 18.48 -15.60 1.06
C MET A 88 19.22 -14.84 2.17
N VAL A 89 18.55 -14.54 3.28
CA VAL A 89 19.23 -13.78 4.35
C VAL A 89 20.04 -14.68 5.29
N ALA A 90 19.95 -15.99 5.10
CA ALA A 90 20.56 -16.95 6.02
C ALA A 90 22.09 -16.89 6.04
N THR A 91 22.70 -16.49 4.93
CA THR A 91 24.15 -16.41 4.84
C THR A 91 24.59 -15.12 4.16
N ALA A 92 25.80 -14.68 4.50
CA ALA A 92 26.40 -13.51 3.87
C ALA A 92 26.53 -13.74 2.36
N ASN A 93 26.87 -14.96 1.96
CA ASN A 93 27.01 -15.26 0.55
C ASN A 93 25.70 -15.06 -0.19
N ASN A 94 24.62 -15.59 0.36
CA ASN A 94 23.33 -15.42 -0.31
C ASN A 94 22.86 -13.96 -0.33
N ARG A 95 23.12 -13.24 0.75
CA ARG A 95 22.75 -11.83 0.77
C ARG A 95 23.54 -11.07 -0.28
N GLN A 96 24.83 -11.38 -0.42
CA GLN A 96 25.63 -10.70 -1.44
C GLN A 96 25.12 -11.01 -2.84
N THR A 97 24.76 -12.26 -3.08
CA THR A 97 24.17 -12.64 -4.35
C THR A 97 22.93 -11.79 -4.63
N PHE A 98 22.06 -11.67 -3.64
CA PHE A 98 20.84 -10.91 -3.82
C PHE A 98 21.11 -9.43 -4.06
N VAL A 99 21.94 -8.83 -3.21
CA VAL A 99 22.22 -7.42 -3.30
C VAL A 99 22.82 -7.06 -4.66
N ASN A 100 23.81 -7.82 -5.12
CA ASN A 100 24.39 -7.53 -6.40
C ASN A 100 23.39 -7.73 -7.53
N SER A 101 22.55 -8.76 -7.43
CA SER A 101 21.53 -8.96 -8.45
C SER A 101 20.55 -7.80 -8.49
N ALA A 102 20.21 -7.25 -7.33
CA ALA A 102 19.26 -6.14 -7.25
C ALA A 102 19.84 -4.91 -7.92
N ILE A 103 21.10 -4.59 -7.66
CA ILE A 103 21.71 -3.44 -8.30
C ILE A 103 21.67 -3.62 -9.83
N ARG A 104 22.08 -4.79 -10.30
CA ARG A 104 22.15 -4.99 -11.74
C ARG A 104 20.76 -4.92 -12.38
N PHE A 105 19.76 -5.49 -11.71
CA PHE A 105 18.40 -5.58 -12.24
C PHE A 105 17.78 -4.18 -12.29
N LEU A 106 17.95 -3.42 -11.22
CA LEU A 106 17.35 -2.09 -11.16
C LEU A 106 17.97 -1.18 -12.21
N ARG A 107 19.28 -1.27 -12.37
CA ARG A 107 19.94 -0.44 -13.36
C ARG A 107 19.56 -0.87 -14.78
N LYS A 108 19.48 -2.17 -15.03
CA LYS A 108 19.11 -2.66 -16.36
C LYS A 108 17.75 -2.13 -16.77
N TYR A 109 16.79 -2.15 -15.86
CA TYR A 109 15.41 -1.85 -16.22
C TYR A 109 15.00 -0.40 -15.90
N SER A 110 15.97 0.39 -15.41
CA SER A 110 15.79 1.83 -15.15
C SER A 110 14.86 2.16 -13.97
N PHE A 111 14.94 1.35 -12.91
CA PHE A 111 14.29 1.68 -11.63
C PHE A 111 15.23 2.52 -10.77
N ASP A 112 14.66 3.39 -9.95
CA ASP A 112 15.43 4.24 -9.06
C ASP A 112 15.63 3.66 -7.66
N GLY A 113 15.08 2.49 -7.38
CA GLY A 113 15.24 1.92 -6.06
C GLY A 113 14.48 0.63 -5.87
N LEU A 114 14.64 0.07 -4.68
CA LEU A 114 14.05 -1.21 -4.28
C LEU A 114 13.17 -1.02 -3.05
N ASP A 115 11.98 -1.60 -3.06
CA ASP A 115 11.08 -1.61 -1.93
C ASP A 115 10.97 -3.06 -1.45
N LEU A 116 11.22 -3.28 -0.17
CA LEU A 116 11.15 -4.60 0.43
C LEU A 116 9.75 -4.89 0.98
N ASP A 117 9.12 -5.96 0.52
CA ASP A 117 7.76 -6.31 0.94
C ASP A 117 7.72 -7.78 1.41
N TRP A 118 8.54 -8.09 2.38
CA TRP A 118 8.53 -9.41 3.02
C TRP A 118 7.45 -9.44 4.08
N GLU A 119 6.51 -10.39 3.94
CA GLU A 119 5.46 -10.56 4.94
C GLU A 119 5.62 -11.91 5.63
N TYR A 120 6.31 -11.98 6.76
CA TYR A 120 7.06 -10.91 7.41
C TYR A 120 8.24 -11.62 8.06
N PRO A 121 9.36 -10.92 8.26
CA PRO A 121 10.41 -11.57 9.06
C PRO A 121 9.91 -11.92 10.46
N GLY A 122 10.21 -13.14 10.91
CA GLY A 122 9.85 -13.57 12.26
C GLY A 122 8.42 -14.03 12.45
N SER A 123 7.61 -13.98 11.40
CA SER A 123 6.22 -14.40 11.47
C SER A 123 5.86 -15.25 10.25
N GLN A 124 4.69 -15.87 10.30
CA GLN A 124 4.13 -16.57 9.14
C GLN A 124 5.05 -17.67 8.64
N GLY A 125 5.79 -18.29 9.56
CA GLY A 125 6.68 -19.38 9.25
C GLY A 125 8.16 -19.02 9.26
N SER A 126 8.45 -17.73 9.17
CA SER A 126 9.82 -17.25 9.24
C SER A 126 10.35 -17.35 10.67
N PRO A 127 11.56 -17.89 10.85
CA PRO A 127 12.10 -18.10 12.20
C PRO A 127 12.51 -16.80 12.89
N ALA A 128 12.64 -16.85 14.21
CA ALA A 128 12.93 -15.65 15.00
C ALA A 128 14.23 -14.97 14.60
N VAL A 129 15.22 -15.76 14.16
CA VAL A 129 16.50 -15.19 13.74
C VAL A 129 16.35 -14.22 12.55
N ASP A 130 15.25 -14.31 11.81
CA ASP A 130 15.05 -13.43 10.67
C ASP A 130 14.81 -11.97 11.06
N LYS A 131 14.49 -11.71 12.32
CA LYS A 131 14.38 -10.32 12.76
C LYS A 131 15.75 -9.62 12.61
N GLU A 132 16.79 -10.18 13.20
CA GLU A 132 18.12 -9.59 13.07
C GLU A 132 18.68 -9.74 11.65
N ARG A 133 18.33 -10.82 10.96
CA ARG A 133 18.81 -10.98 9.58
C ARG A 133 18.17 -9.98 8.62
N PHE A 134 16.94 -9.57 8.89
CA PHE A 134 16.31 -8.54 8.09
C PHE A 134 17.05 -7.22 8.29
N THR A 135 17.41 -6.92 9.54
CA THR A 135 18.20 -5.74 9.82
C THR A 135 19.49 -5.76 9.00
N THR A 136 20.14 -6.91 8.98
CA THR A 136 21.38 -7.06 8.25
C THR A 136 21.16 -6.89 6.75
N LEU A 137 20.09 -7.47 6.23
CA LEU A 137 19.76 -7.30 4.81
C LEU A 137 19.59 -5.82 4.46
N VAL A 138 18.84 -5.10 5.29
CA VAL A 138 18.57 -3.70 5.02
C VAL A 138 19.90 -2.93 5.03
N GLN A 139 20.76 -3.24 6.01
CA GLN A 139 22.07 -2.62 6.09
C GLN A 139 22.94 -2.96 4.88
N ASP A 140 22.93 -4.23 4.48
CA ASP A 140 23.72 -4.66 3.31
C ASP A 140 23.28 -3.90 2.05
N LEU A 141 21.98 -3.78 1.84
CA LEU A 141 21.45 -3.08 0.68
C LEU A 141 21.83 -1.60 0.72
N ALA A 142 21.60 -0.96 1.86
CA ALA A 142 21.92 0.45 1.99
C ALA A 142 23.40 0.68 1.71
N ASN A 143 24.25 -0.15 2.28
CA ASN A 143 25.70 0.03 2.11
C ASN A 143 26.10 -0.19 0.66
N ALA A 144 25.53 -1.21 0.03
CA ALA A 144 25.86 -1.51 -1.37
C ALA A 144 25.36 -0.43 -2.33
N PHE A 145 24.17 0.09 -2.05
CA PHE A 145 23.64 1.18 -2.88
C PHE A 145 24.53 2.42 -2.77
N GLN A 146 25.00 2.73 -1.56
CA GLN A 146 25.88 3.87 -1.35
C GLN A 146 27.19 3.66 -2.14
N GLN A 147 27.75 2.46 -2.05
CA GLN A 147 29.00 2.15 -2.74
C GLN A 147 28.84 2.24 -4.25
N GLU A 148 27.73 1.75 -4.77
CA GLU A 148 27.53 1.76 -6.22
C GLU A 148 27.39 3.17 -6.74
N ALA A 149 26.76 4.04 -5.95
CA ALA A 149 26.66 5.45 -6.33
C ALA A 149 28.03 6.09 -6.40
N GLN A 150 28.89 5.77 -5.44
CA GLN A 150 30.23 6.35 -5.38
C GLN A 150 31.03 5.90 -6.59
N THR A 151 30.99 4.61 -6.89
CA THR A 151 31.82 4.07 -7.96
C THR A 151 31.28 4.41 -9.35
N SER A 152 29.97 4.45 -9.49
CA SER A 152 29.34 4.66 -10.80
C SER A 152 29.12 6.14 -11.13
N GLY A 153 29.05 6.97 -10.09
CA GLY A 153 28.75 8.38 -10.26
C GLY A 153 27.27 8.65 -10.53
N LYS A 154 26.45 7.61 -10.50
CA LYS A 154 25.01 7.74 -10.70
C LYS A 154 24.29 8.10 -9.40
N GLU A 155 23.07 8.63 -9.51
CA GLU A 155 22.24 8.91 -8.34
C GLU A 155 21.99 7.63 -7.55
N ARG A 156 22.19 7.70 -6.24
CA ARG A 156 22.08 6.52 -5.40
C ARG A 156 20.70 5.89 -5.48
N LEU A 157 20.68 4.57 -5.64
CA LEU A 157 19.43 3.82 -5.56
C LEU A 157 18.77 3.99 -4.21
N LEU A 158 17.44 4.15 -4.24
CA LEU A 158 16.66 4.29 -3.02
C LEU A 158 16.31 2.93 -2.42
N LEU A 159 16.13 2.90 -1.11
CA LEU A 159 15.70 1.71 -0.41
C LEU A 159 14.55 2.02 0.51
N SER A 160 13.44 1.33 0.32
CA SER A 160 12.29 1.47 1.20
C SER A 160 11.80 0.10 1.62
N ALA A 161 10.89 0.09 2.59
CA ALA A 161 10.24 -1.14 3.00
C ALA A 161 8.80 -0.87 3.33
N ALA A 162 7.96 -1.84 3.02
CA ALA A 162 6.54 -1.82 3.40
C ALA A 162 6.42 -2.62 4.68
N VAL A 163 5.92 -1.97 5.73
CA VAL A 163 5.98 -2.56 7.07
C VAL A 163 4.60 -2.63 7.72
N PRO A 164 4.42 -3.62 8.60
CA PRO A 164 3.10 -3.84 9.20
C PRO A 164 2.77 -2.90 10.33
N ALA A 165 1.48 -2.76 10.54
CA ALA A 165 0.95 -1.89 11.59
C ALA A 165 0.75 -2.62 12.93
N GLY A 166 0.61 -3.94 12.90
CA GLY A 166 0.24 -4.68 14.09
C GLY A 166 1.43 -5.01 14.95
N GLN A 167 1.31 -4.75 16.25
CA GLN A 167 2.40 -4.93 17.19
C GLN A 167 3.03 -6.32 17.21
N THR A 168 2.21 -7.34 17.02
N THR A 168 2.25 -7.37 17.03
CA THR A 168 2.71 -8.72 17.02
CA THR A 168 2.86 -8.69 17.08
C THR A 168 3.75 -8.89 15.93
C THR A 168 3.80 -8.90 15.92
N TYR A 169 3.44 -8.42 14.74
CA TYR A 169 4.34 -8.54 13.59
C TYR A 169 5.54 -7.60 13.74
N VAL A 170 5.31 -6.39 14.23
CA VAL A 170 6.39 -5.42 14.40
C VAL A 170 7.44 -5.98 15.36
N ASP A 171 7.00 -6.48 16.52
CA ASP A 171 7.95 -6.95 17.50
C ASP A 171 8.64 -8.25 17.09
N ALA A 172 7.99 -9.10 16.31
CA ALA A 172 8.61 -10.35 15.89
C ALA A 172 9.67 -10.14 14.81
N GLY A 173 9.55 -9.06 14.03
CA GLY A 173 10.36 -8.92 12.83
C GLY A 173 11.25 -7.71 12.65
N TYR A 174 11.00 -6.61 13.39
CA TYR A 174 11.52 -5.30 12.97
C TYR A 174 12.24 -4.60 14.10
N GLU A 175 13.55 -4.47 13.94
CA GLU A 175 14.35 -3.61 14.80
C GLU A 175 14.20 -2.19 14.28
N VAL A 176 13.10 -1.56 14.68
CA VAL A 176 12.62 -0.34 14.07
C VAL A 176 13.66 0.76 14.02
N ASP A 177 14.32 1.02 15.14
CA ASP A 177 15.26 2.12 15.18
C ASP A 177 16.47 1.87 14.26
N LYS A 178 16.89 0.61 14.16
CA LYS A 178 18.05 0.27 13.33
C LYS A 178 17.70 0.36 11.84
N ILE A 179 16.60 -0.28 11.43
CA ILE A 179 16.26 -0.26 10.02
C ILE A 179 15.90 1.14 9.53
N ALA A 180 15.28 1.95 10.39
CA ALA A 180 14.88 3.30 9.97
C ALA A 180 16.08 4.14 9.59
N GLN A 181 17.23 3.88 10.20
CA GLN A 181 18.43 4.64 9.87
C GLN A 181 18.91 4.36 8.45
N ASN A 182 18.67 3.14 7.97
CA ASN A 182 19.18 2.71 6.66
C ASN A 182 18.16 2.76 5.53
N LEU A 183 16.88 2.86 5.86
CA LEU A 183 15.87 3.02 4.82
C LEU A 183 15.71 4.49 4.47
N ASP A 184 15.51 4.77 3.18
CA ASP A 184 15.19 6.14 2.77
C ASP A 184 13.79 6.56 3.23
N PHE A 185 12.84 5.63 3.17
CA PHE A 185 11.51 5.86 3.72
C PHE A 185 10.85 4.53 4.07
N VAL A 186 9.83 4.65 4.91
CA VAL A 186 9.15 3.50 5.50
C VAL A 186 7.67 3.61 5.13
N ASN A 187 7.19 2.63 4.36
CA ASN A 187 5.82 2.62 3.86
C ASN A 187 4.95 1.84 4.84
N LEU A 188 4.23 2.57 5.68
CA LEU A 188 3.43 1.94 6.73
C LEU A 188 2.11 1.42 6.16
N MET A 189 1.90 0.11 6.29
CA MET A 189 0.70 -0.53 5.73
C MET A 189 -0.47 -0.37 6.69
N ALA A 190 -0.97 0.86 6.75
CA ALA A 190 -2.01 1.24 7.70
C ALA A 190 -3.40 0.90 7.19
N TYR A 191 -3.61 -0.40 7.01
CA TYR A 191 -4.84 -0.96 6.47
C TYR A 191 -4.82 -2.47 6.75
N ASP A 192 -5.86 -3.17 6.35
CA ASP A 192 -6.07 -4.56 6.74
C ASP A 192 -6.08 -4.72 8.27
N PHE A 193 -6.58 -3.72 8.98
CA PHE A 193 -6.67 -3.80 10.43
C PHE A 193 -7.75 -4.76 10.87
N HIS A 194 -8.83 -4.83 10.08
CA HIS A 194 -9.97 -5.71 10.35
C HIS A 194 -10.41 -6.27 9.03
N GLY A 195 -11.12 -7.38 9.06
CA GLY A 195 -11.60 -7.99 7.85
C GLY A 195 -12.32 -9.26 8.18
N SER A 196 -12.74 -9.97 7.14
CA SER A 196 -13.68 -11.06 7.31
C SER A 196 -13.10 -12.30 7.95
N TRP A 197 -11.81 -12.29 8.26
CA TRP A 197 -11.26 -13.32 9.16
C TRP A 197 -11.81 -13.21 10.57
N GLU A 198 -12.39 -12.06 10.91
CA GLU A 198 -12.99 -11.80 12.22
C GLU A 198 -14.49 -12.09 12.14
N LYS A 199 -15.10 -12.40 13.28
CA LYS A 199 -16.51 -12.79 13.36
C LYS A 199 -17.49 -11.66 13.55
N VAL A 200 -16.97 -10.44 13.56
CA VAL A 200 -17.79 -9.24 13.64
C VAL A 200 -17.27 -8.23 12.64
N THR A 201 -18.11 -7.31 12.21
CA THR A 201 -17.66 -6.27 11.29
C THR A 201 -16.67 -5.35 11.99
N GLY A 202 -15.77 -4.80 11.19
CA GLY A 202 -14.75 -3.88 11.64
C GLY A 202 -14.18 -3.22 10.41
N HIS A 203 -13.63 -2.03 10.57
CA HIS A 203 -13.16 -1.26 9.42
C HIS A 203 -11.73 -1.61 9.02
N ASN A 204 -11.52 -1.69 7.70
CA ASN A 204 -10.21 -1.93 7.12
C ASN A 204 -9.10 -0.99 7.64
N SER A 205 -9.46 0.27 7.84
CA SER A 205 -8.47 1.32 8.06
C SER A 205 -9.04 2.48 8.89
N PRO A 206 -9.41 2.23 10.15
CA PRO A 206 -9.93 3.29 11.00
C PRO A 206 -8.82 4.21 11.50
N LEU A 207 -9.10 5.52 11.60
CA LEU A 207 -8.06 6.44 12.07
C LEU A 207 -7.77 6.33 13.56
N TYR A 208 -8.82 6.13 14.34
CA TYR A 208 -8.72 6.05 15.79
C TYR A 208 -9.47 4.85 16.29
N LYS A 209 -9.28 4.53 17.57
CA LYS A 209 -10.03 3.46 18.18
C LYS A 209 -11.49 3.84 18.37
N ARG A 210 -12.34 2.84 18.53
CA ARG A 210 -13.70 3.03 19.00
C ARG A 210 -13.68 3.05 20.51
N GLN A 211 -14.58 3.83 21.10
CA GLN A 211 -14.65 3.97 22.55
C GLN A 211 -14.77 2.62 23.26
N GLU A 212 -15.47 1.68 22.64
CA GLU A 212 -15.73 0.37 23.27
C GLU A 212 -14.51 -0.54 23.33
N GLU A 213 -13.54 -0.31 22.46
CA GLU A 213 -12.39 -1.20 22.33
C GLU A 213 -11.48 -1.15 23.54
N SER A 214 -10.82 -2.27 23.81
CA SER A 214 -9.82 -2.33 24.87
C SER A 214 -8.73 -3.31 24.47
N GLY A 215 -7.76 -3.49 25.35
CA GLY A 215 -6.68 -4.41 25.09
C GLY A 215 -5.98 -4.13 23.76
N ALA A 216 -5.49 -5.19 23.13
CA ALA A 216 -4.75 -5.06 21.90
C ALA A 216 -5.60 -4.48 20.79
N ALA A 217 -6.91 -4.70 20.85
CA ALA A 217 -7.80 -4.19 19.81
C ALA A 217 -7.73 -2.66 19.72
N ALA A 218 -7.46 -2.01 20.85
CA ALA A 218 -7.41 -0.56 20.89
C ALA A 218 -6.21 0.03 20.16
N SER A 219 -5.28 -0.81 19.71
CA SER A 219 -4.15 -0.35 18.90
C SER A 219 -4.29 -0.67 17.42
N LEU A 220 -5.42 -1.27 17.04
CA LEU A 220 -5.68 -1.60 15.64
C LEU A 220 -6.32 -0.44 14.88
N ASN A 221 -5.57 0.63 14.76
CA ASN A 221 -6.00 1.82 14.08
C ASN A 221 -4.79 2.62 13.62
N VAL A 222 -5.02 3.52 12.69
CA VAL A 222 -3.93 4.25 12.06
C VAL A 222 -3.11 5.06 13.06
N ASP A 223 -3.77 5.77 13.96
CA ASP A 223 -3.05 6.63 14.89
C ASP A 223 -2.13 5.80 15.79
N ALA A 224 -2.63 4.69 16.30
CA ALA A 224 -1.79 3.83 17.14
C ALA A 224 -0.61 3.27 16.36
N ALA A 225 -0.84 2.89 15.10
CA ALA A 225 0.22 2.32 14.28
C ALA A 225 1.30 3.36 13.99
N VAL A 226 0.88 4.58 13.66
CA VAL A 226 1.84 5.65 13.42
C VAL A 226 2.64 5.95 14.67
N GLN A 227 1.96 6.09 15.80
CA GLN A 227 2.65 6.39 17.03
C GLN A 227 3.62 5.27 17.39
N GLN A 228 3.22 4.03 17.15
CA GLN A 228 4.09 2.88 17.40
C GLN A 228 5.43 2.99 16.63
N TRP A 229 5.34 3.27 15.33
CA TRP A 229 6.55 3.36 14.52
C TRP A 229 7.38 4.57 14.88
N LEU A 230 6.75 5.69 15.23
CA LEU A 230 7.50 6.87 15.65
C LEU A 230 8.21 6.60 16.98
N GLN A 231 7.47 6.08 17.95
CA GLN A 231 8.03 5.91 19.29
C GLN A 231 9.14 4.87 19.30
N LYS A 232 9.06 3.91 18.40
CA LYS A 232 10.07 2.86 18.30
C LYS A 232 11.29 3.30 17.49
N GLY A 233 11.27 4.54 16.99
CA GLY A 233 12.48 5.14 16.44
C GLY A 233 12.48 5.55 14.97
N THR A 234 11.33 5.58 14.31
CA THR A 234 11.30 6.04 12.93
C THR A 234 11.22 7.55 12.91
N PRO A 235 12.18 8.23 12.25
CA PRO A 235 12.01 9.68 12.08
C PRO A 235 10.72 9.98 11.35
N ALA A 236 9.99 10.98 11.82
CA ALA A 236 8.69 11.28 11.25
C ALA A 236 8.81 11.54 9.75
N SER A 237 9.86 12.24 9.34
CA SER A 237 10.05 12.56 7.92
C SER A 237 10.22 11.33 7.02
N LYS A 238 10.59 10.20 7.60
CA LYS A 238 10.76 8.94 6.86
C LYS A 238 9.51 8.08 6.87
N LEU A 239 8.55 8.39 7.74
CA LEU A 239 7.36 7.55 7.85
C LEU A 239 6.29 8.02 6.90
N ILE A 240 5.88 7.12 6.01
CA ILE A 240 4.95 7.44 4.94
C ILE A 240 3.67 6.66 5.23
N LEU A 241 2.57 7.39 5.40
CA LEU A 241 1.33 6.78 5.87
C LEU A 241 0.53 6.14 4.75
N GLY A 242 0.38 4.82 4.81
CA GLY A 242 -0.42 4.11 3.84
C GLY A 242 -1.91 4.46 3.90
N MET A 243 -2.51 4.46 2.72
N MET A 243 -2.53 4.41 2.74
CA MET A 243 -3.91 4.79 2.51
CA MET A 243 -3.92 4.79 2.52
C MET A 243 -4.51 3.79 1.53
C MET A 243 -4.50 3.77 1.54
N PRO A 244 -5.65 3.17 1.87
CA PRO A 244 -6.23 2.16 0.98
C PRO A 244 -7.29 2.72 0.03
N THR A 245 -7.16 2.43 -1.26
CA THR A 245 -8.24 2.74 -2.20
C THR A 245 -9.13 1.52 -2.41
N TYR A 246 -9.30 0.76 -1.34
CA TYR A 246 -10.17 -0.41 -1.33
C TYR A 246 -10.78 -0.52 0.05
N GLY A 247 -11.80 -1.36 0.15
CA GLY A 247 -12.44 -1.66 1.42
C GLY A 247 -12.50 -3.15 1.69
N ARG A 248 -12.92 -3.50 2.89
CA ARG A 248 -13.12 -4.89 3.28
C ARG A 248 -14.57 -5.14 3.63
N SER A 249 -15.07 -6.23 3.06
CA SER A 249 -16.49 -6.55 3.10
C SER A 249 -16.79 -7.81 3.94
N PHE A 250 -18.00 -7.81 4.48
CA PHE A 250 -18.50 -8.89 5.32
C PHE A 250 -19.90 -9.27 4.87
N THR A 251 -20.25 -10.54 5.03
CA THR A 251 -21.66 -10.94 5.03
C THR A 251 -22.13 -10.90 6.49
N LEU A 252 -23.18 -10.13 6.74
CA LEU A 252 -23.77 -9.99 8.06
C LEU A 252 -24.58 -11.22 8.44
N ALA A 253 -24.56 -11.59 9.71
CA ALA A 253 -25.45 -12.63 10.23
C ALA A 253 -26.92 -12.26 10.05
N SER A 254 -27.22 -10.98 10.19
CA SER A 254 -28.58 -10.49 10.01
C SER A 254 -28.56 -9.11 9.39
N SER A 255 -29.39 -8.90 8.37
CA SER A 255 -29.53 -7.59 7.76
C SER A 255 -30.08 -6.57 8.75
N SER A 256 -30.59 -7.02 9.90
CA SER A 256 -31.14 -6.10 10.90
C SER A 256 -30.12 -5.54 11.89
N ASP A 257 -28.87 -6.00 11.82
CA ASP A 257 -27.80 -5.46 12.65
C ASP A 257 -26.62 -5.11 11.76
N THR A 258 -26.49 -3.82 11.50
CA THR A 258 -25.51 -3.30 10.56
C THR A 258 -24.47 -2.45 11.27
N ARG A 259 -24.38 -2.57 12.59
CA ARG A 259 -23.43 -1.75 13.32
C ARG A 259 -22.00 -2.20 13.06
N VAL A 260 -21.05 -1.31 13.33
N VAL A 260 -21.07 -1.30 13.34
CA VAL A 260 -19.67 -1.76 13.44
CA VAL A 260 -19.70 -1.71 13.56
C VAL A 260 -19.57 -2.62 14.71
C VAL A 260 -19.73 -2.70 14.71
N GLY A 261 -19.04 -3.83 14.54
CA GLY A 261 -19.03 -4.85 15.58
C GLY A 261 -20.21 -5.80 15.52
N ALA A 262 -21.07 -5.69 14.52
CA ALA A 262 -22.19 -6.62 14.36
C ALA A 262 -21.69 -8.01 13.93
N PRO A 263 -22.42 -9.07 14.30
CA PRO A 263 -21.98 -10.41 13.88
C PRO A 263 -21.93 -10.58 12.36
N ALA A 264 -20.90 -11.30 11.91
CA ALA A 264 -20.68 -11.57 10.49
C ALA A 264 -20.47 -13.08 10.34
N THR A 265 -20.89 -13.62 9.21
CA THR A 265 -20.74 -15.06 8.95
C THR A 265 -19.62 -15.37 7.98
N GLY A 266 -18.99 -14.34 7.42
CA GLY A 266 -17.89 -14.53 6.50
C GLY A 266 -17.64 -13.32 5.63
N SER A 267 -16.88 -13.54 4.56
N SER A 267 -16.87 -13.53 4.58
CA SER A 267 -16.55 -12.50 3.58
CA SER A 267 -16.54 -12.45 3.65
C SER A 267 -17.77 -11.99 2.86
C SER A 267 -17.77 -11.97 2.89
N GLY A 268 -17.73 -10.72 2.46
CA GLY A 268 -18.74 -10.18 1.58
C GLY A 268 -18.64 -10.80 0.19
N THR A 269 -19.74 -10.72 -0.53
CA THR A 269 -19.81 -11.14 -1.92
C THR A 269 -18.69 -10.51 -2.73
N PRO A 270 -18.03 -11.29 -3.62
CA PRO A 270 -16.97 -10.69 -4.44
C PRO A 270 -17.49 -9.59 -5.35
N GLY A 271 -16.62 -8.62 -5.60
CA GLY A 271 -16.92 -7.54 -6.51
C GLY A 271 -16.92 -8.02 -7.95
N PRO A 272 -17.61 -7.27 -8.82
CA PRO A 272 -17.80 -7.71 -10.21
C PRO A 272 -16.52 -7.66 -11.06
N PHE A 273 -15.57 -6.83 -10.65
CA PHE A 273 -14.30 -6.70 -11.35
C PHE A 273 -13.13 -7.34 -10.60
N THR A 274 -13.07 -7.15 -9.28
CA THR A 274 -11.91 -7.66 -8.52
C THR A 274 -12.06 -9.13 -8.13
N LYS A 275 -13.30 -9.61 -8.01
CA LYS A 275 -13.59 -11.02 -7.91
C LYS A 275 -12.84 -11.71 -6.77
N GLU A 276 -12.83 -11.05 -5.61
CA GLU A 276 -12.14 -11.59 -4.45
C GLU A 276 -12.98 -11.29 -3.21
N GLY A 277 -13.70 -12.29 -2.75
CA GLY A 277 -14.57 -12.11 -1.61
C GLY A 277 -13.83 -11.58 -0.40
N GLY A 278 -14.45 -10.59 0.25
CA GLY A 278 -13.86 -9.92 1.39
C GLY A 278 -13.20 -8.59 1.08
N MET A 279 -13.00 -8.32 -0.21
N MET A 279 -12.95 -8.29 -0.19
CA MET A 279 -12.33 -7.12 -0.72
CA MET A 279 -12.39 -6.99 -0.57
C MET A 279 -13.22 -6.43 -1.74
C MET A 279 -13.14 -6.43 -1.76
N LEU A 280 -13.16 -5.10 -1.84
CA LEU A 280 -13.76 -4.38 -2.95
C LEU A 280 -12.89 -3.18 -3.28
N ALA A 281 -12.72 -2.88 -4.56
CA ALA A 281 -12.07 -1.64 -4.98
C ALA A 281 -12.96 -0.46 -4.65
N TYR A 282 -12.37 0.72 -4.50
CA TYR A 282 -13.21 1.90 -4.32
C TYR A 282 -14.27 2.03 -5.41
N TYR A 283 -13.91 1.73 -6.66
CA TYR A 283 -14.88 1.86 -7.75
C TYR A 283 -16.02 0.84 -7.68
N GLU A 284 -15.89 -0.20 -6.87
N GLU A 284 -15.88 -0.19 -6.84
CA GLU A 284 -16.96 -1.15 -6.68
CA GLU A 284 -16.92 -1.19 -6.59
C GLU A 284 -17.91 -0.69 -5.57
C GLU A 284 -17.81 -0.90 -5.37
N VAL A 285 -17.39 0.12 -4.64
N VAL A 285 -17.52 0.18 -4.65
CA VAL A 285 -18.13 0.58 -3.47
CA VAL A 285 -18.34 0.55 -3.51
C VAL A 285 -18.86 1.91 -3.69
C VAL A 285 -18.85 1.99 -3.59
N CYS A 286 -18.20 2.81 -4.42
CA CYS A 286 -18.54 4.22 -4.48
C CYS A 286 -19.91 4.49 -5.10
N SER A 287 -20.41 3.54 -5.88
CA SER A 287 -21.65 3.74 -6.63
C SER A 287 -22.64 2.61 -6.43
N TRP A 288 -22.65 2.05 -5.22
N TRP A 288 -22.56 1.96 -5.27
CA TRP A 288 -23.49 0.92 -4.86
CA TRP A 288 -23.56 0.94 -4.91
C TRP A 288 -24.98 1.32 -4.72
C TRP A 288 -24.92 1.59 -4.99
N LYS A 289 -25.81 0.90 -5.68
CA LYS A 289 -27.20 1.31 -5.76
C LYS A 289 -28.01 0.77 -4.60
N GLY A 290 -28.86 1.63 -4.04
CA GLY A 290 -29.79 1.21 -3.01
C GLY A 290 -29.13 0.83 -1.71
N ALA A 291 -27.94 1.38 -1.46
CA ALA A 291 -27.20 1.11 -0.24
C ALA A 291 -27.34 2.28 0.73
N THR A 292 -26.89 2.06 1.95
CA THR A 292 -26.93 3.07 3.00
C THR A 292 -25.51 3.31 3.50
N LYS A 293 -25.02 4.52 3.30
CA LYS A 293 -23.69 4.92 3.78
C LYS A 293 -23.80 5.53 5.17
N GLN A 294 -22.80 5.23 5.99
CA GLN A 294 -22.74 5.61 7.40
C GLN A 294 -21.33 6.05 7.68
N ARG A 295 -21.10 6.76 8.78
CA ARG A 295 -19.74 7.04 9.24
C ARG A 295 -19.59 6.53 10.66
N ILE A 296 -18.41 6.01 10.95
CA ILE A 296 -18.07 5.60 12.29
C ILE A 296 -17.51 6.84 12.96
N GLN A 297 -18.28 7.45 13.86
N GLN A 297 -18.28 7.40 13.88
CA GLN A 297 -17.88 8.75 14.37
CA GLN A 297 -17.96 8.71 14.42
C GLN A 297 -16.52 8.74 15.07
C GLN A 297 -16.63 8.79 15.19
N ASP A 298 -16.28 7.74 15.93
CA ASP A 298 -15.02 7.70 16.68
C ASP A 298 -13.83 7.54 15.71
N GLN A 299 -14.06 6.81 14.61
CA GLN A 299 -12.96 6.32 13.79
C GLN A 299 -12.72 7.13 12.52
N LYS A 300 -13.66 8.02 12.22
CA LYS A 300 -13.53 9.01 11.14
C LYS A 300 -13.48 8.40 9.73
N VAL A 301 -14.17 7.29 9.55
CA VAL A 301 -14.17 6.59 8.27
C VAL A 301 -15.57 6.06 8.00
N PRO A 302 -15.91 5.86 6.71
CA PRO A 302 -17.26 5.40 6.35
C PRO A 302 -17.39 3.89 6.24
N TYR A 303 -18.64 3.45 6.34
CA TYR A 303 -18.99 2.13 5.90
C TYR A 303 -20.30 2.23 5.14
N ILE A 304 -20.68 1.14 4.49
N ILE A 304 -20.62 1.17 4.40
CA ILE A 304 -21.87 1.12 3.68
CA ILE A 304 -21.87 1.09 3.67
C ILE A 304 -22.44 -0.29 3.74
C ILE A 304 -22.46 -0.29 3.90
N PHE A 305 -23.77 -0.39 3.77
CA PHE A 305 -24.41 -1.67 3.83
C PHE A 305 -25.60 -1.72 2.89
N ARG A 306 -25.94 -2.95 2.51
CA ARG A 306 -27.11 -3.20 1.67
C ARG A 306 -27.48 -4.64 1.91
N ASP A 307 -28.72 -4.87 2.33
CA ASP A 307 -29.16 -6.21 2.70
C ASP A 307 -28.17 -6.79 3.71
N ASN A 308 -27.62 -7.98 3.46
CA ASN A 308 -26.68 -8.59 4.39
C ASN A 308 -25.20 -8.34 4.06
N GLN A 309 -24.91 -7.29 3.32
CA GLN A 309 -23.54 -6.97 2.91
C GLN A 309 -23.11 -5.67 3.58
N TRP A 310 -21.90 -5.67 4.12
CA TRP A 310 -21.36 -4.56 4.89
C TRP A 310 -19.92 -4.33 4.46
N VAL A 311 -19.57 -3.10 4.13
CA VAL A 311 -18.22 -2.78 3.66
C VAL A 311 -17.67 -1.55 4.37
N GLY A 312 -16.47 -1.68 4.94
CA GLY A 312 -15.75 -0.54 5.47
C GLY A 312 -14.72 -0.12 4.43
N PHE A 313 -14.69 1.17 4.09
CA PHE A 313 -13.84 1.68 3.03
C PHE A 313 -13.41 3.11 3.33
N ASP A 314 -12.61 3.67 2.43
CA ASP A 314 -12.19 5.06 2.55
C ASP A 314 -12.77 5.89 1.41
N ASP A 315 -13.13 7.13 1.73
CA ASP A 315 -13.67 8.06 0.75
C ASP A 315 -12.86 9.33 0.73
N VAL A 316 -13.30 10.28 -0.09
CA VAL A 316 -12.58 11.53 -0.19
C VAL A 316 -12.43 12.17 1.18
N GLU A 317 -13.52 12.18 1.96
CA GLU A 317 -13.48 12.82 3.26
C GLU A 317 -12.50 12.14 4.23
N SER A 318 -12.44 10.81 4.22
CA SER A 318 -11.55 10.15 5.15
C SER A 318 -10.10 10.32 4.73
N PHE A 319 -9.83 10.35 3.42
CA PHE A 319 -8.49 10.66 2.96
C PHE A 319 -8.08 12.09 3.39
N LYS A 320 -8.98 13.06 3.29
CA LYS A 320 -8.66 14.41 3.74
C LYS A 320 -8.32 14.41 5.22
N THR A 321 -9.09 13.66 6.01
CA THR A 321 -8.89 13.62 7.45
C THR A 321 -7.54 12.99 7.75
N LYS A 322 -7.20 11.92 7.05
CA LYS A 322 -5.93 11.24 7.27
C LYS A 322 -4.72 12.08 6.82
N VAL A 323 -4.87 12.88 5.78
CA VAL A 323 -3.76 13.75 5.40
C VAL A 323 -3.59 14.88 6.42
N SER A 324 -4.70 15.40 6.93
N SER A 324 -4.70 15.40 6.93
CA SER A 324 -4.60 16.41 7.96
CA SER A 324 -4.63 16.41 7.98
C SER A 324 -3.86 15.81 9.17
C SER A 324 -3.89 15.83 9.19
N TYR A 325 -4.21 14.57 9.52
CA TYR A 325 -3.55 13.89 10.60
C TYR A 325 -2.05 13.73 10.33
N LEU A 326 -1.67 13.26 9.15
CA LEU A 326 -0.26 12.98 8.93
C LEU A 326 0.54 14.28 8.95
N LYS A 327 -0.05 15.38 8.48
CA LYS A 327 0.63 16.68 8.52
C LYS A 327 0.81 17.14 9.95
N GLN A 328 -0.20 16.91 10.79
CA GLN A 328 -0.09 17.28 12.20
C GLN A 328 1.04 16.52 12.89
N LYS A 329 1.25 15.27 12.48
CA LYS A 329 2.31 14.44 13.05
C LYS A 329 3.67 14.66 12.39
N GLY A 330 3.71 15.49 11.35
CA GLY A 330 4.96 15.77 10.65
C GLY A 330 5.50 14.62 9.81
N LEU A 331 4.61 13.76 9.32
CA LEU A 331 5.07 12.60 8.55
C LEU A 331 5.56 13.00 7.16
N GLY A 332 6.28 12.10 6.52
CA GLY A 332 6.91 12.41 5.25
C GLY A 332 5.99 12.41 4.05
N GLY A 333 4.78 11.91 4.22
CA GLY A 333 3.82 11.92 3.13
C GLY A 333 2.85 10.76 3.26
N ALA A 334 2.21 10.41 2.14
CA ALA A 334 1.24 9.33 2.08
C ALA A 334 1.67 8.31 1.04
N MET A 335 1.26 7.08 1.29
CA MET A 335 1.49 5.96 0.40
C MET A 335 0.12 5.38 0.08
N VAL A 336 -0.07 4.85 -1.13
CA VAL A 336 -1.38 4.37 -1.52
C VAL A 336 -1.34 3.01 -2.19
N TRP A 337 -2.16 2.11 -1.64
CA TRP A 337 -2.44 0.81 -2.25
C TRP A 337 -3.88 0.89 -2.74
N ALA A 338 -4.15 0.97 -4.04
CA ALA A 338 -3.20 0.97 -5.16
C ALA A 338 -3.82 1.76 -6.30
N LEU A 339 -3.01 2.14 -7.28
CA LEU A 339 -3.49 2.96 -8.39
C LEU A 339 -4.72 2.36 -9.07
N ASP A 340 -4.71 1.05 -9.28
CA ASP A 340 -5.75 0.38 -10.07
C ASP A 340 -7.03 0.12 -9.30
N LEU A 341 -7.06 0.47 -8.01
CA LEU A 341 -8.25 0.28 -7.18
C LEU A 341 -9.01 1.57 -6.93
N ASP A 342 -8.34 2.72 -7.11
CA ASP A 342 -9.04 4.01 -7.23
C ASP A 342 -9.85 3.97 -8.53
N ASP A 343 -10.75 4.93 -8.71
CA ASP A 343 -11.48 5.01 -9.96
C ASP A 343 -10.59 5.71 -10.97
N PHE A 344 -9.61 4.95 -11.46
CA PHE A 344 -8.53 5.53 -12.23
C PHE A 344 -8.98 6.08 -13.55
N ALA A 345 -10.07 5.56 -14.09
CA ALA A 345 -10.55 6.03 -15.39
C ALA A 345 -11.84 6.83 -15.29
N GLY A 346 -12.32 7.05 -14.06
CA GLY A 346 -13.52 7.82 -13.82
C GLY A 346 -14.79 7.18 -14.34
N PHE A 347 -14.78 5.85 -14.35
N PHE A 347 -14.84 5.85 -14.42
CA PHE A 347 -15.83 5.04 -15.00
CA PHE A 347 -15.99 5.19 -15.06
C PHE A 347 -16.95 4.60 -14.06
C PHE A 347 -17.14 4.92 -14.08
N SER A 348 -16.85 4.95 -12.78
CA SER A 348 -17.80 4.48 -11.79
C SER A 348 -18.36 5.52 -10.82
N CYS A 349 -17.51 6.38 -10.29
CA CYS A 349 -17.85 7.17 -9.11
C CYS A 349 -18.37 8.57 -9.40
N ASN A 350 -18.35 8.97 -10.66
CA ASN A 350 -18.79 10.32 -11.06
C ASN A 350 -18.01 11.41 -10.31
N GLN A 351 -16.73 11.13 -10.08
CA GLN A 351 -15.83 12.06 -9.39
C GLN A 351 -14.57 12.35 -10.21
N GLY A 352 -14.59 12.04 -11.50
CA GLY A 352 -13.44 12.24 -12.35
C GLY A 352 -12.42 11.11 -12.19
N ARG A 353 -11.26 11.27 -12.83
CA ARG A 353 -10.21 10.26 -12.74
C ARG A 353 -9.45 10.36 -11.43
N TYR A 354 -9.12 9.20 -10.87
CA TYR A 354 -8.32 9.12 -9.65
C TYR A 354 -8.83 10.04 -8.51
N PRO A 355 -10.10 9.92 -8.14
CA PRO A 355 -10.62 10.87 -7.16
C PRO A 355 -9.93 10.74 -5.80
N LEU A 356 -9.62 9.53 -5.36
CA LEU A 356 -8.99 9.40 -4.06
C LEU A 356 -7.55 9.83 -4.09
N ILE A 357 -6.80 9.41 -5.10
CA ILE A 357 -5.38 9.75 -5.13
C ILE A 357 -5.18 11.24 -5.44
N GLN A 358 -6.05 11.81 -6.26
CA GLN A 358 -5.99 13.27 -6.45
C GLN A 358 -6.28 14.00 -5.15
N THR A 359 -7.13 13.46 -4.31
CA THR A 359 -7.38 14.07 -3.01
C THR A 359 -6.10 14.07 -2.18
N LEU A 360 -5.39 12.95 -2.15
CA LEU A 360 -4.12 12.92 -1.45
C LEU A 360 -3.16 13.98 -2.00
N ARG A 361 -3.04 14.03 -3.32
CA ARG A 361 -2.10 14.99 -3.93
C ARG A 361 -2.46 16.44 -3.55
N GLN A 362 -3.74 16.75 -3.59
N GLN A 362 -3.76 16.74 -3.57
CA GLN A 362 -4.20 18.09 -3.26
CA GLN A 362 -4.25 18.09 -3.29
C GLN A 362 -3.84 18.42 -1.82
C GLN A 362 -4.01 18.47 -1.82
N GLU A 363 -4.23 17.53 -0.91
CA GLU A 363 -4.12 17.82 0.52
C GLU A 363 -2.67 17.87 0.98
N LEU A 364 -1.78 17.20 0.23
CA LEU A 364 -0.35 17.26 0.50
C LEU A 364 0.34 18.46 -0.16
N SER A 365 -0.45 19.26 -0.86
CA SER A 365 0.04 20.43 -1.60
C SER A 365 1.06 20.03 -2.66
N LEU A 366 0.75 18.95 -3.38
CA LEU A 366 1.61 18.42 -4.43
C LEU A 366 1.01 18.59 -5.84
N VAL A 367 -0.02 19.40 -5.98
CA VAL A 367 -0.60 19.59 -7.31
C VAL A 367 0.38 20.37 -8.19
N PRO A 368 0.72 19.84 -9.37
CA PRO A 368 1.64 20.57 -10.23
C PRO A 368 1.11 21.94 -10.62
N ARG A 369 1.98 22.94 -10.67
CA ARG A 369 1.48 24.27 -10.99
C ARG A 369 1.19 24.40 -12.47
N GLY A 370 1.79 23.52 -13.27
CA GLY A 370 1.48 23.38 -14.67
C GLY A 370 0.24 22.56 -15.01
N SER A 371 -0.34 21.89 -14.02
CA SER A 371 -1.48 20.99 -14.24
C SER A 371 -2.74 21.71 -14.77
N HIS A 372 -3.38 21.10 -15.77
CA HIS A 372 -4.61 21.63 -16.36
C HIS A 372 -5.84 20.77 -16.07
N HIS A 373 -5.63 19.46 -15.90
CA HIS A 373 -6.75 18.50 -15.94
C HIS A 373 -7.11 17.89 -14.60
N HIS A 374 -6.57 18.45 -13.53
CA HIS A 374 -6.85 17.93 -12.18
C HIS A 374 -8.27 18.32 -11.76
N HIS A 375 -8.74 17.66 -10.71
CA HIS A 375 -10.08 17.85 -10.18
C HIS A 375 -9.92 17.98 -8.68
N HIS A 376 -10.40 19.10 -8.10
CA HIS A 376 -10.35 19.26 -6.64
C HIS A 376 -11.58 18.64 -6.02
N HIS A 377 -11.36 17.92 -4.91
CA HIS A 377 -12.43 17.28 -4.16
C HIS A 377 -12.54 17.84 -2.77
#